data_3RGL
#
_entry.id   3RGL
#
_cell.length_a   112.740
_cell.length_b   112.740
_cell.length_c   157.753
_cell.angle_alpha   90.00
_cell.angle_beta   90.00
_cell.angle_gamma   120.00
#
_symmetry.space_group_name_H-M   'H 3'
#
loop_
_entity.id
_entity.type
_entity.pdbx_description
1 polymer 'Glycyl-tRNA synthetase alpha subunit'
2 non-polymer GLYCINE
3 non-polymer "ADENOSINE-5'-TRIPHOSPHATE"
4 non-polymer '(2S)-2-hydroxybutanedioic acid'
5 water water
#
_entity_poly.entity_id   1
_entity_poly.type   'polypeptide(L)'
_entity_poly.pdbx_seq_one_letter_code
;(MSE)HHHHHHSSGVDLGTENLYFQSNA(MSE)TFSQ(MSE)ILNLQNYWQEQGCAI(MSE)QPYD(MSE)PAGAGTFHP
ATFLRSLGKKPWAAAYVAPSRRPTDGRYGENPNRLGAYYQFQVLIKPSPDNIQELYLKSLENLGFDLKSHDIRFVEDNWE
SPSLGAWGLGWEVWLDG(MSE)EVTQFTYFQQVGGIAVDLVSAEITYGLERIA(MSE)YLQNVDNVYDIVWSEFNGEKIK
YADVHKQSEYEFSKYNFEVSDVKILNEQFENSYKECKNILEQGLALPAYDYC(MSE)LAAHTFNLLDARGAISVAQRQDY
(MSE)LKIRELSKNCAEIYKKNLNEAE
;
_entity_poly.pdbx_strand_id   A,B
#
# COMPACT_ATOMS: atom_id res chain seq x y z
N ASN A 17 16.37 28.66 9.04
CA ASN A 17 15.72 29.61 9.93
C ASN A 17 14.65 30.44 9.21
N LEU A 18 14.11 29.87 8.14
CA LEU A 18 12.97 30.44 7.45
C LEU A 18 11.77 29.53 7.69
N TYR A 19 12.06 28.25 7.92
CA TYR A 19 11.01 27.27 8.19
C TYR A 19 11.04 26.82 9.65
N PHE A 20 9.86 26.64 10.24
CA PHE A 20 9.75 26.18 11.61
C PHE A 20 8.84 24.96 11.68
N GLN A 21 9.13 24.04 12.60
CA GLN A 21 8.26 22.89 12.80
C GLN A 21 6.90 23.30 13.35
N SER A 22 6.89 24.25 14.29
CA SER A 22 5.67 24.82 14.84
C SER A 22 4.73 25.45 13.81
N ASN A 23 5.20 25.56 12.57
CA ASN A 23 4.51 26.35 11.56
C ASN A 23 4.38 25.63 10.21
N ALA A 24 4.91 24.42 10.15
CA ALA A 24 5.00 23.70 8.89
C ALA A 24 3.91 22.65 8.74
N THR A 26 2.54 19.03 8.47
CA THR A 26 2.97 17.74 8.99
C THR A 26 3.11 16.79 7.83
N PHE A 27 3.72 15.64 8.09
CA PHE A 27 3.94 14.68 7.03
C PHE A 27 2.65 14.40 6.27
N SER A 28 1.57 14.31 7.04
CA SER A 28 0.25 13.97 6.54
C SER A 28 -0.30 15.02 5.60
N GLN A 29 -0.30 16.27 6.06
CA GLN A 29 -0.82 17.35 5.24
C GLN A 29 -0.04 17.48 3.92
N ILE A 31 1.62 15.10 2.28
CA ILE A 31 1.17 14.03 1.39
C ILE A 31 -0.14 14.37 0.68
N LEU A 32 -1.11 14.97 1.39
CA LEU A 32 -2.39 15.38 0.79
C LEU A 32 -2.30 16.60 -0.16
N ASN A 33 -1.50 17.58 0.24
CA ASN A 33 -1.17 18.71 -0.61
C ASN A 33 -0.56 18.24 -1.93
N LEU A 34 0.42 17.36 -1.85
CA LEU A 34 0.99 16.82 -3.07
C LEU A 34 -0.09 16.16 -3.90
N GLN A 35 -0.84 15.26 -3.26
CA GLN A 35 -1.90 14.54 -3.95
C GLN A 35 -2.90 15.52 -4.57
N ASN A 36 -3.33 16.49 -3.78
CA ASN A 36 -4.24 17.51 -4.27
C ASN A 36 -3.66 18.28 -5.44
N TYR A 37 -2.40 18.70 -5.30
CA TYR A 37 -1.74 19.49 -6.32
C TYR A 37 -1.62 18.76 -7.65
N TRP A 38 -1.23 17.50 -7.60
CA TRP A 38 -1.05 16.78 -8.85
C TRP A 38 -2.36 16.37 -9.47
N GLN A 39 -3.38 16.25 -8.65
CA GLN A 39 -4.72 15.98 -9.11
C GLN A 39 -5.16 17.11 -10.02
N GLU A 40 -4.79 18.32 -9.63
CA GLU A 40 -5.16 19.51 -10.36
C GLU A 40 -4.32 19.67 -11.63
N GLN A 41 -3.34 18.80 -11.84
CA GLN A 41 -2.57 18.82 -13.09
C GLN A 41 -2.98 17.69 -14.00
N GLY A 42 -4.04 16.98 -13.62
CA GLY A 42 -4.55 15.90 -14.44
C GLY A 42 -4.18 14.51 -13.97
N CYS A 43 -3.43 14.42 -12.87
CA CYS A 43 -2.99 13.13 -12.35
C CYS A 43 -4.12 12.36 -11.68
N ALA A 44 -4.35 11.13 -12.12
CA ALA A 44 -5.28 10.24 -11.42
C ALA A 44 -4.56 9.72 -10.19
N ILE A 45 -5.08 10.04 -9.02
CA ILE A 45 -4.47 9.57 -7.79
C ILE A 45 -4.69 8.08 -7.60
N GLN A 47 -3.51 4.47 -5.33
CA GLN A 47 -3.08 4.08 -3.98
C GLN A 47 -1.87 3.17 -4.06
N PRO A 48 -1.03 3.20 -3.01
CA PRO A 48 0.13 2.32 -2.93
C PRO A 48 -0.23 0.88 -3.22
N TYR A 49 0.66 0.15 -3.89
CA TYR A 49 0.43 -1.25 -4.19
C TYR A 49 0.63 -2.11 -2.93
N ASP A 50 0.12 -3.33 -2.94
CA ASP A 50 0.17 -4.17 -1.74
C ASP A 50 1.13 -5.32 -1.88
N PRO A 52 5.60 -5.79 -1.50
CA PRO A 52 6.84 -5.10 -1.16
C PRO A 52 7.57 -4.61 -2.42
N ALA A 53 7.93 -3.33 -2.43
CA ALA A 53 8.58 -2.73 -3.59
C ALA A 53 9.70 -1.75 -3.20
N GLY A 54 10.80 -1.80 -3.94
CA GLY A 54 11.94 -0.99 -3.64
C GLY A 54 11.74 0.45 -4.09
N ALA A 55 10.72 0.70 -4.90
CA ALA A 55 10.57 2.01 -5.52
C ALA A 55 9.22 2.18 -6.14
N GLY A 56 8.75 3.42 -6.22
CA GLY A 56 7.53 3.72 -6.96
C GLY A 56 7.48 3.18 -8.39
N THR A 57 8.62 3.19 -9.07
CA THR A 57 8.73 2.60 -10.40
C THR A 57 8.15 1.18 -10.49
N PHE A 58 8.20 0.44 -9.38
CA PHE A 58 7.71 -0.94 -9.34
C PHE A 58 6.20 -1.07 -9.36
N HIS A 59 5.48 -0.03 -8.97
CA HIS A 59 4.02 -0.06 -8.99
C HIS A 59 3.57 -0.35 -10.43
N PRO A 60 2.59 -1.24 -10.60
CA PRO A 60 2.12 -1.53 -11.96
C PRO A 60 1.56 -0.28 -12.63
N ALA A 61 1.12 0.67 -11.82
CA ALA A 61 0.68 1.96 -12.32
C ALA A 61 1.83 2.74 -12.96
N THR A 62 3.06 2.27 -12.79
CA THR A 62 4.16 2.87 -13.53
C THR A 62 4.76 1.91 -14.52
N PHE A 63 5.26 0.79 -14.01
CA PHE A 63 6.00 -0.12 -14.84
C PHE A 63 5.16 -0.58 -16.03
N LEU A 64 3.91 -0.96 -15.77
CA LEU A 64 3.08 -1.47 -16.85
C LEU A 64 2.39 -0.38 -17.65
N ARG A 65 1.72 0.54 -16.97
CA ARG A 65 1.01 1.63 -17.63
C ARG A 65 1.91 2.50 -18.54
N SER A 66 3.21 2.44 -18.33
CA SER A 66 4.13 3.27 -19.11
C SER A 66 4.34 2.70 -20.53
N LEU A 67 4.05 1.42 -20.71
CA LEU A 67 4.16 0.76 -21.99
C LEU A 67 2.98 1.08 -22.88
N GLY A 68 3.20 1.02 -24.20
CA GLY A 68 2.13 1.20 -25.16
C GLY A 68 1.77 2.65 -25.43
N LYS A 69 0.63 2.86 -26.09
CA LYS A 69 0.32 4.15 -26.69
C LYS A 69 -0.74 5.00 -25.98
N LYS A 70 -1.44 4.43 -25.01
CA LYS A 70 -2.50 5.18 -24.34
C LYS A 70 -1.92 6.18 -23.35
N PRO A 71 -2.40 7.43 -23.41
CA PRO A 71 -2.04 8.46 -22.42
C PRO A 71 -2.34 7.98 -21.01
N TRP A 72 -1.58 8.48 -20.05
CA TRP A 72 -1.71 8.07 -18.66
C TRP A 72 -1.04 9.09 -17.76
N ALA A 73 -1.78 9.60 -16.79
CA ALA A 73 -1.22 10.51 -15.80
C ALA A 73 -1.65 9.99 -14.42
N ALA A 74 -0.71 9.91 -13.50
CA ALA A 74 -0.99 9.28 -12.23
C ALA A 74 -0.05 9.78 -11.17
N ALA A 75 -0.54 9.94 -9.95
CA ALA A 75 0.33 10.23 -8.82
C ALA A 75 -0.07 9.35 -7.67
N TYR A 76 0.90 8.84 -6.91
CA TYR A 76 0.63 8.04 -5.72
C TYR A 76 1.75 8.08 -4.72
N VAL A 77 1.39 7.77 -3.48
CA VAL A 77 2.39 7.55 -2.45
C VAL A 77 2.92 6.13 -2.64
N ALA A 78 4.23 6.02 -2.55
CA ALA A 78 4.89 4.76 -2.81
C ALA A 78 5.71 4.37 -1.60
N PRO A 79 5.12 3.61 -0.70
CA PRO A 79 5.98 3.11 0.37
C PRO A 79 6.98 2.14 -0.21
N SER A 80 8.25 2.33 0.13
CA SER A 80 9.31 1.58 -0.51
C SER A 80 10.17 0.88 0.53
N ARG A 81 10.59 -0.34 0.22
CA ARG A 81 11.50 -1.11 1.08
C ARG A 81 12.85 -1.34 0.45
N ARG A 82 13.90 -0.97 1.16
CA ARG A 82 15.26 -1.20 0.70
C ARG A 82 16.05 -1.85 1.82
N PRO A 83 15.89 -3.16 1.98
CA PRO A 83 16.53 -3.91 3.06
C PRO A 83 18.01 -3.55 3.31
N THR A 84 18.82 -3.38 2.26
CA THR A 84 20.25 -3.02 2.40
C THR A 84 20.45 -1.65 3.04
N ASP A 85 19.42 -0.81 3.01
CA ASP A 85 19.51 0.54 3.55
C ASP A 85 19.25 0.61 5.04
N GLY A 86 18.54 -0.39 5.57
CA GLY A 86 18.17 -0.39 6.97
C GLY A 86 19.32 -0.06 7.87
N ARG A 87 19.09 0.84 8.83
CA ARG A 87 20.12 1.25 9.78
C ARG A 87 19.69 1.06 11.25
N TYR A 88 18.89 0.02 11.52
CA TYR A 88 18.39 -0.31 12.86
C TYR A 88 17.66 0.83 13.57
N GLY A 89 17.17 1.81 12.83
CA GLY A 89 16.54 2.97 13.44
C GLY A 89 17.50 4.01 13.96
N GLU A 90 18.81 3.78 13.81
CA GLU A 90 19.83 4.60 14.47
C GLU A 90 20.47 5.72 13.62
N ASN A 91 19.94 5.94 12.42
CA ASN A 91 20.52 6.90 11.49
C ASN A 91 19.45 7.91 11.13
N PRO A 92 19.79 9.20 11.12
CA PRO A 92 18.75 10.22 10.85
C PRO A 92 18.47 10.49 9.37
N ASN A 93 19.12 9.81 8.44
CA ASN A 93 18.81 10.00 7.01
C ASN A 93 18.45 8.74 6.28
N ARG A 94 19.10 7.64 6.64
CA ARG A 94 18.95 6.41 5.89
C ARG A 94 17.95 5.47 6.55
N LEU A 95 16.97 5.03 5.76
CA LEU A 95 15.90 4.15 6.24
C LEU A 95 15.78 2.90 5.40
N GLY A 96 15.52 1.76 6.04
CA GLY A 96 15.21 0.55 5.33
C GLY A 96 13.87 0.58 4.59
N ALA A 97 12.94 1.38 5.08
CA ALA A 97 11.66 1.58 4.43
C ALA A 97 11.29 3.05 4.55
N TYR A 98 10.71 3.60 3.48
CA TYR A 98 10.49 5.04 3.44
C TYR A 98 9.47 5.41 2.35
N TYR A 99 8.92 6.60 2.46
CA TYR A 99 7.86 7.02 1.55
C TYR A 99 8.39 7.92 0.44
N GLN A 100 8.19 7.47 -0.79
CA GLN A 100 8.36 8.26 -1.98
C GLN A 100 7.00 8.82 -2.42
N PHE A 101 6.99 9.97 -3.09
CA PHE A 101 5.82 10.33 -3.86
C PHE A 101 6.15 10.18 -5.33
N GLN A 102 5.27 9.52 -6.06
CA GLN A 102 5.56 9.19 -7.43
C GLN A 102 4.59 9.88 -8.36
N VAL A 103 5.13 10.50 -9.40
CA VAL A 103 4.31 11.11 -10.44
C VAL A 103 4.75 10.60 -11.79
N LEU A 104 3.77 10.17 -12.57
CA LEU A 104 4.01 9.61 -13.88
C LEU A 104 3.05 10.28 -14.85
N ILE A 105 3.60 11.07 -15.77
CA ILE A 105 2.80 11.68 -16.82
C ILE A 105 3.26 11.24 -18.19
N LYS A 106 2.31 10.78 -18.98
CA LYS A 106 2.60 10.19 -20.27
C LYS A 106 1.60 10.64 -21.34
N PRO A 107 2.12 11.30 -22.40
CA PRO A 107 3.56 11.49 -22.57
C PRO A 107 4.06 12.70 -21.80
N SER A 108 5.36 12.77 -21.62
CA SER A 108 5.97 13.85 -20.85
C SER A 108 5.62 15.25 -21.36
N PRO A 109 5.07 16.10 -20.47
CA PRO A 109 4.83 17.52 -20.70
C PRO A 109 6.11 18.32 -20.91
N ASP A 110 5.94 19.56 -21.36
CA ASP A 110 7.06 20.46 -21.62
C ASP A 110 7.41 21.21 -20.34
N ASN A 111 6.38 21.52 -19.56
CA ASN A 111 6.50 22.36 -18.37
C ASN A 111 6.75 21.56 -17.10
N ILE A 112 7.28 20.36 -17.26
CA ILE A 112 7.44 19.43 -16.15
C ILE A 112 8.28 20.00 -15.01
N GLN A 113 9.28 20.78 -15.38
CA GLN A 113 10.13 21.44 -14.39
C GLN A 113 9.32 22.44 -13.60
N GLU A 114 8.53 23.23 -14.32
CA GLU A 114 7.73 24.31 -13.75
C GLU A 114 6.70 23.67 -12.86
N LEU A 115 6.13 22.59 -13.37
CA LEU A 115 5.10 21.88 -12.67
C LEU A 115 5.63 21.49 -11.29
N TYR A 116 6.90 21.14 -11.25
CA TYR A 116 7.48 20.59 -10.04
C TYR A 116 7.95 21.64 -9.02
N LEU A 117 8.65 22.65 -9.50
CA LEU A 117 9.10 23.73 -8.63
C LEU A 117 7.90 24.39 -7.95
N LYS A 118 6.78 24.42 -8.67
CA LYS A 118 5.56 25.01 -8.14
C LYS A 118 4.98 24.13 -7.03
N SER A 119 5.02 22.81 -7.24
CA SER A 119 4.58 21.87 -6.21
C SER A 119 5.34 22.13 -4.92
N LEU A 120 6.63 22.35 -5.06
CA LEU A 120 7.46 22.69 -3.90
C LEU A 120 7.01 23.97 -3.23
N GLU A 121 6.68 24.97 -4.04
CA GLU A 121 6.17 26.23 -3.52
C GLU A 121 4.93 25.93 -2.72
N ASN A 122 4.06 25.13 -3.29
CA ASN A 122 2.77 24.83 -2.69
C ASN A 122 2.91 24.11 -1.34
N LEU A 123 4.11 23.64 -1.04
CA LEU A 123 4.40 22.99 0.24
C LEU A 123 4.87 23.96 1.30
N GLY A 124 5.30 25.14 0.87
CA GLY A 124 5.72 26.17 1.80
C GLY A 124 7.16 26.53 1.53
N PHE A 125 7.70 25.97 0.46
CA PHE A 125 9.07 26.22 0.09
C PHE A 125 9.26 27.60 -0.53
N ASP A 126 10.23 28.34 -0.02
CA ASP A 126 10.59 29.63 -0.58
C ASP A 126 11.79 29.46 -1.51
N LEU A 127 11.53 29.26 -2.79
CA LEU A 127 12.56 28.78 -3.71
C LEU A 127 13.69 29.78 -3.87
N LYS A 128 13.31 31.05 -3.87
CA LYS A 128 14.22 32.19 -3.89
C LYS A 128 15.34 32.06 -2.85
N SER A 129 15.04 31.42 -1.73
CA SER A 129 16.04 31.23 -0.69
C SER A 129 16.83 29.94 -0.92
N HIS A 130 16.63 29.35 -2.09
CA HIS A 130 17.25 28.05 -2.36
C HIS A 130 17.97 27.99 -3.70
N ASP A 131 19.11 27.30 -3.69
CA ASP A 131 19.74 26.91 -4.94
C ASP A 131 19.36 25.48 -5.27
N ILE A 132 18.47 25.34 -6.25
CA ILE A 132 18.09 24.02 -6.73
C ILE A 132 18.97 23.64 -7.91
N ARG A 133 19.78 22.61 -7.74
CA ARG A 133 20.68 22.12 -8.78
C ARG A 133 20.07 20.94 -9.51
N PHE A 134 19.87 21.08 -10.82
CA PHE A 134 19.48 19.94 -11.65
C PHE A 134 20.69 19.22 -12.22
N VAL A 135 21.11 18.18 -11.53
CA VAL A 135 22.26 17.37 -11.92
C VAL A 135 21.84 16.20 -12.82
N GLU A 136 22.38 16.18 -14.03
CA GLU A 136 22.12 15.10 -14.97
C GLU A 136 22.69 13.80 -14.41
N ASP A 137 21.93 12.73 -14.54
CA ASP A 137 22.30 11.46 -13.93
C ASP A 137 21.26 10.43 -14.35
N ASN A 138 21.69 9.46 -15.15
CA ASN A 138 20.74 8.59 -15.82
C ASN A 138 20.30 7.33 -15.10
N TRP A 139 19.17 6.81 -15.57
CA TRP A 139 18.50 5.68 -14.98
C TRP A 139 18.77 4.40 -15.77
N GLU A 140 19.52 3.50 -15.15
CA GLU A 140 19.80 2.21 -15.73
C GLU A 140 19.30 1.13 -14.78
N SER A 141 18.39 0.29 -15.26
CA SER A 141 17.81 -0.75 -14.41
C SER A 141 17.59 -2.08 -15.14
N PRO A 142 18.64 -2.89 -15.19
CA PRO A 142 18.66 -4.19 -15.85
C PRO A 142 17.61 -5.13 -15.26
N SER A 143 17.31 -4.97 -13.97
CA SER A 143 16.23 -5.73 -13.35
C SER A 143 14.97 -5.54 -14.17
N LEU A 144 14.65 -4.29 -14.48
CA LEU A 144 13.45 -3.94 -15.23
C LEU A 144 13.68 -3.85 -16.74
N GLY A 145 14.88 -4.22 -17.20
CA GLY A 145 15.26 -3.98 -18.57
C GLY A 145 14.95 -2.53 -18.93
N ALA A 146 15.31 -1.64 -18.02
CA ALA A 146 14.86 -0.25 -18.10
C ALA A 146 15.97 0.80 -18.23
N TRP A 147 15.71 1.81 -19.04
CA TRP A 147 16.65 2.92 -19.17
C TRP A 147 15.91 4.22 -19.42
N GLY A 148 16.47 5.32 -18.94
CA GLY A 148 15.97 6.64 -19.24
C GLY A 148 16.94 7.76 -18.95
N LEU A 149 16.66 8.92 -19.53
CA LEU A 149 17.40 10.16 -19.27
C LEU A 149 16.97 10.80 -17.94
N GLY A 150 17.89 10.94 -16.99
CA GLY A 150 17.48 11.42 -15.68
C GLY A 150 18.19 12.59 -15.04
N TRP A 151 17.55 13.14 -14.01
CA TRP A 151 18.13 14.21 -13.19
C TRP A 151 17.95 13.91 -11.71
N GLU A 152 18.91 14.35 -10.92
CA GLU A 152 18.76 14.35 -9.48
C GLU A 152 18.53 15.79 -9.13
N VAL A 153 17.52 16.06 -8.31
CA VAL A 153 17.32 17.42 -7.84
C VAL A 153 18.00 17.63 -6.49
N TRP A 154 18.94 18.58 -6.44
CA TRP A 154 19.59 18.93 -5.19
C TRP A 154 19.09 20.29 -4.70
N LEU A 155 18.56 20.30 -3.49
CA LEU A 155 18.19 21.55 -2.86
C LEU A 155 19.20 21.85 -1.76
N ASP A 156 19.86 23.01 -1.87
CA ASP A 156 20.90 23.38 -0.91
C ASP A 156 21.79 22.17 -0.65
N GLY A 157 22.20 21.50 -1.72
CA GLY A 157 23.16 20.43 -1.61
C GLY A 157 22.62 19.18 -0.95
N GLU A 159 19.84 15.80 -2.34
CA GLU A 159 18.94 15.29 -3.38
C GLU A 159 17.58 15.06 -2.79
N VAL A 160 16.58 15.75 -3.34
CA VAL A 160 15.21 15.68 -2.83
C VAL A 160 14.23 15.10 -3.85
N THR A 161 14.73 14.77 -5.04
CA THR A 161 13.87 14.28 -6.12
C THR A 161 14.72 13.74 -7.26
N GLN A 162 14.13 12.81 -8.01
CA GLN A 162 14.69 12.31 -9.25
C GLN A 162 13.69 12.59 -10.34
N PHE A 163 14.20 12.96 -11.52
CA PHE A 163 13.43 12.97 -12.77
C PHE A 163 13.95 11.85 -13.66
N THR A 164 13.08 11.31 -14.47
CA THR A 164 13.48 10.28 -15.38
C THR A 164 12.53 10.32 -16.55
N TYR A 165 13.06 10.40 -17.75
CA TYR A 165 12.25 10.27 -18.95
C TYR A 165 12.47 8.86 -19.51
N PHE A 166 11.40 8.13 -19.71
CA PHE A 166 11.50 6.74 -20.10
C PHE A 166 11.77 6.53 -21.60
N GLN A 167 12.61 5.56 -21.90
CA GLN A 167 13.02 5.28 -23.26
C GLN A 167 12.73 3.83 -23.51
N GLN A 168 13.04 3.05 -22.49
CA GLN A 168 12.92 1.60 -22.60
C GLN A 168 12.45 1.02 -21.27
N VAL A 169 11.58 0.03 -21.35
CA VAL A 169 11.06 -0.65 -20.17
C VAL A 169 10.86 -2.11 -20.51
N GLY A 170 11.29 -3.00 -19.62
CA GLY A 170 11.24 -4.41 -19.89
C GLY A 170 11.79 -4.73 -21.26
N GLY A 171 12.83 -4.00 -21.67
CA GLY A 171 13.50 -4.24 -22.94
C GLY A 171 12.76 -3.70 -24.14
N ILE A 172 11.64 -3.05 -23.88
CA ILE A 172 10.75 -2.52 -24.90
C ILE A 172 10.96 -1.03 -24.99
N ALA A 173 11.21 -0.53 -26.20
CA ALA A 173 11.27 0.90 -26.42
C ALA A 173 9.84 1.42 -26.35
N VAL A 174 9.62 2.35 -25.43
CA VAL A 174 8.32 2.98 -25.27
C VAL A 174 7.77 3.50 -26.59
N ASP A 175 6.51 3.91 -26.56
CA ASP A 175 5.87 4.50 -27.73
C ASP A 175 5.78 5.97 -27.42
N LEU A 176 5.40 6.27 -26.18
CA LEU A 176 5.38 7.63 -25.68
C LEU A 176 6.36 7.70 -24.54
N VAL A 177 7.10 8.79 -24.46
CA VAL A 177 8.05 8.97 -23.37
C VAL A 177 7.25 9.33 -22.13
N SER A 178 7.45 8.57 -21.05
CA SER A 178 6.84 8.87 -19.75
C SER A 178 7.77 9.73 -18.94
N ALA A 179 7.25 10.78 -18.31
CA ALA A 179 8.02 11.58 -17.35
C ALA A 179 7.74 11.08 -15.93
N GLU A 180 8.77 10.66 -15.22
CA GLU A 180 8.62 10.15 -13.87
C GLU A 180 9.29 11.06 -12.87
N ILE A 181 8.54 11.46 -11.84
CA ILE A 181 9.09 12.30 -10.77
C ILE A 181 8.97 11.61 -9.42
N THR A 182 10.05 11.62 -8.66
CA THR A 182 10.12 10.85 -7.45
C THR A 182 10.62 11.72 -6.30
N TYR A 183 9.73 12.03 -5.36
CA TYR A 183 10.11 12.85 -4.22
C TYR A 183 10.65 11.99 -3.09
N GLY A 184 11.77 12.42 -2.51
CA GLY A 184 12.24 11.85 -1.26
C GLY A 184 11.51 12.53 -0.12
N LEU A 185 10.33 12.00 0.20
CA LEU A 185 9.41 12.66 1.13
C LEU A 185 9.99 13.07 2.48
N GLU A 186 10.66 12.15 3.15
CA GLU A 186 11.22 12.48 4.45
C GLU A 186 12.25 13.58 4.32
N ARG A 187 13.17 13.39 3.39
CA ARG A 187 14.16 14.41 3.12
C ARG A 187 13.47 15.75 3.03
N ILE A 188 12.42 15.82 2.22
CA ILE A 188 11.76 17.10 2.00
C ILE A 188 11.15 17.62 3.30
N ALA A 189 10.41 16.76 4.00
CA ALA A 189 9.79 17.17 5.26
C ALA A 189 10.85 17.65 6.24
N TYR A 191 13.36 19.25 5.55
CA TYR A 191 13.64 20.62 5.18
C TYR A 191 12.53 21.52 5.69
N LEU A 192 11.32 21.29 5.22
CA LEU A 192 10.18 22.11 5.59
C LEU A 192 10.04 22.32 7.10
N GLN A 193 10.38 21.30 7.86
CA GLN A 193 10.10 21.33 9.30
C GLN A 193 11.33 21.74 10.07
N ASN A 194 12.47 21.80 9.38
CA ASN A 194 13.70 22.23 10.00
C ASN A 194 14.12 21.28 11.14
N VAL A 195 14.27 20.00 10.81
CA VAL A 195 14.78 18.99 11.76
C VAL A 195 15.96 18.19 11.16
N ASP A 196 17.00 17.97 11.95
CA ASP A 196 18.19 17.28 11.45
C ASP A 196 18.10 15.78 11.62
N ASN A 197 16.89 15.30 11.90
CA ASN A 197 16.65 13.91 12.21
C ASN A 197 15.29 13.51 11.68
N VAL A 198 15.24 12.48 10.86
CA VAL A 198 13.96 12.04 10.28
C VAL A 198 12.90 11.65 11.33
N TYR A 199 13.30 10.92 12.37
CA TYR A 199 12.33 10.51 13.38
C TYR A 199 11.65 11.69 14.09
N ASP A 200 12.25 12.87 14.01
CA ASP A 200 11.68 14.08 14.60
C ASP A 200 10.69 14.82 13.69
N ILE A 201 10.39 14.23 12.53
CA ILE A 201 9.35 14.76 11.68
C ILE A 201 8.03 14.65 12.45
N VAL A 202 7.19 15.67 12.35
CA VAL A 202 5.84 15.53 12.84
C VAL A 202 5.00 14.90 11.76
N TRP A 203 4.49 13.72 12.06
CA TRP A 203 3.60 12.99 11.18
C TRP A 203 2.24 13.67 11.17
N SER A 204 1.82 14.12 12.35
CA SER A 204 0.56 14.81 12.48
C SER A 204 0.40 15.40 13.87
N GLU A 205 -0.47 16.38 13.95
CA GLU A 205 -0.77 17.04 15.20
C GLU A 205 -2.25 17.36 15.19
N PHE A 206 -2.85 17.24 16.36
CA PHE A 206 -4.24 17.57 16.53
C PHE A 206 -4.31 18.19 17.92
N ASN A 207 -4.71 19.46 17.98
CA ASN A 207 -4.79 20.21 19.24
C ASN A 207 -3.61 20.02 20.19
N GLY A 208 -2.40 20.28 19.67
CA GLY A 208 -1.17 20.25 20.46
C GLY A 208 -0.62 18.86 20.75
N GLU A 209 -1.24 17.84 20.17
CA GLU A 209 -0.79 16.48 20.37
C GLU A 209 -0.02 16.07 19.13
N LYS A 210 1.28 15.91 19.27
CA LYS A 210 2.10 15.56 18.14
C LYS A 210 2.39 14.07 18.07
N ILE A 211 2.22 13.51 16.89
CA ILE A 211 2.69 12.18 16.60
C ILE A 211 3.93 12.28 15.73
N LYS A 212 5.02 11.71 16.23
CA LYS A 212 6.30 11.79 15.58
C LYS A 212 6.56 10.60 14.67
N TYR A 213 7.45 10.79 13.71
CA TYR A 213 7.80 9.72 12.78
C TYR A 213 8.37 8.55 13.58
N ALA A 214 8.99 8.86 14.72
CA ALA A 214 9.51 7.84 15.61
C ALA A 214 8.37 6.96 16.12
N ASP A 215 7.28 7.62 16.47
CA ASP A 215 6.09 6.95 16.99
C ASP A 215 5.54 5.96 15.98
N VAL A 216 5.63 6.32 14.71
CA VAL A 216 5.16 5.49 13.61
C VAL A 216 6.13 4.37 13.20
N HIS A 217 7.43 4.68 13.14
CA HIS A 217 8.38 3.84 12.39
C HIS A 217 9.69 3.45 13.05
N LYS A 218 10.00 4.01 14.20
CA LYS A 218 11.27 3.69 14.86
C LYS A 218 11.36 2.19 15.13
N GLN A 219 10.26 1.61 15.62
CA GLN A 219 10.24 0.20 16.01
C GLN A 219 10.39 -0.73 14.81
N SER A 220 9.71 -0.41 13.71
CA SER A 220 9.81 -1.23 12.50
C SER A 220 11.20 -1.12 11.87
N GLU A 221 11.78 0.07 11.91
CA GLU A 221 13.15 0.23 11.42
C GLU A 221 14.10 -0.67 12.18
N TYR A 222 13.98 -0.68 13.50
CA TYR A 222 14.80 -1.60 14.29
C TYR A 222 14.49 -3.07 13.97
N GLU A 223 13.22 -3.45 14.09
CA GLU A 223 12.88 -4.86 13.90
C GLU A 223 13.24 -5.37 12.49
N PHE A 224 12.80 -4.69 11.45
CA PHE A 224 13.10 -5.15 10.10
C PHE A 224 14.60 -5.18 9.79
N SER A 225 15.36 -4.28 10.40
CA SER A 225 16.82 -4.34 10.25
C SER A 225 17.33 -5.60 10.93
N LYS A 226 16.88 -5.85 12.16
CA LYS A 226 17.30 -7.05 12.87
C LYS A 226 16.96 -8.23 12.00
N TYR A 227 15.72 -8.26 11.53
CA TYR A 227 15.26 -9.34 10.67
C TYR A 227 16.11 -9.55 9.41
N ASN A 228 16.18 -8.53 8.57
CA ASN A 228 16.84 -8.65 7.27
C ASN A 228 18.31 -9.02 7.32
N PHE A 229 19.02 -8.49 8.31
CA PHE A 229 20.45 -8.72 8.46
C PHE A 229 20.84 -9.93 9.33
N GLU A 230 19.98 -10.32 10.27
CA GLU A 230 20.43 -11.25 11.30
C GLU A 230 19.56 -12.47 11.47
N VAL A 231 18.33 -12.37 10.99
CA VAL A 231 17.32 -13.35 11.37
C VAL A 231 16.75 -14.13 10.18
N SER A 232 16.64 -13.51 9.01
CA SER A 232 15.95 -14.18 7.90
C SER A 232 16.52 -15.57 7.62
N ASP A 233 15.66 -16.49 7.17
CA ASP A 233 16.06 -17.87 6.88
C ASP A 233 16.40 -18.02 5.41
N VAL A 234 17.67 -18.22 5.12
CA VAL A 234 18.15 -18.23 3.75
C VAL A 234 17.47 -19.28 2.87
N LYS A 235 17.27 -20.48 3.42
CA LYS A 235 16.65 -21.58 2.68
C LYS A 235 15.23 -21.25 2.23
N ILE A 236 14.46 -20.63 3.12
CA ILE A 236 13.10 -20.22 2.80
C ILE A 236 13.06 -19.07 1.80
N LEU A 237 13.89 -18.05 2.03
CA LEU A 237 14.02 -16.93 1.09
C LEU A 237 14.40 -17.44 -0.31
N ASN A 238 15.35 -18.35 -0.37
CA ASN A 238 15.67 -19.00 -1.62
C ASN A 238 14.53 -19.80 -2.22
N GLU A 239 13.75 -20.50 -1.40
CA GLU A 239 12.62 -21.25 -1.93
C GLU A 239 11.58 -20.29 -2.49
N GLN A 240 11.37 -19.20 -1.77
CA GLN A 240 10.39 -18.19 -2.16
C GLN A 240 10.78 -17.42 -3.45
N PHE A 241 12.07 -17.21 -3.66
CA PHE A 241 12.56 -16.67 -4.92
C PHE A 241 12.27 -17.66 -6.07
N GLU A 242 12.60 -18.92 -5.85
CA GLU A 242 12.36 -19.96 -6.85
C GLU A 242 10.88 -20.17 -7.19
N ASN A 243 10.01 -20.10 -6.18
CA ASN A 243 8.59 -20.30 -6.43
C ASN A 243 7.97 -19.12 -7.15
N SER A 244 8.36 -17.90 -6.77
CA SER A 244 7.93 -16.70 -7.48
C SER A 244 8.25 -16.75 -8.98
N TYR A 245 9.51 -17.06 -9.30
CA TYR A 245 9.94 -17.26 -10.68
C TYR A 245 9.07 -18.30 -11.37
N LYS A 246 9.01 -19.51 -10.78
CA LYS A 246 8.19 -20.61 -11.30
C LYS A 246 6.74 -20.19 -11.60
N GLU A 247 6.05 -19.67 -10.60
CA GLU A 247 4.65 -19.26 -10.75
C GLU A 247 4.47 -18.06 -11.69
N CYS A 248 5.44 -17.15 -11.67
CA CYS A 248 5.44 -16.04 -12.61
C CYS A 248 5.44 -16.52 -14.06
N LYS A 249 6.20 -17.56 -14.34
CA LYS A 249 6.35 -18.08 -15.70
C LYS A 249 5.06 -18.79 -16.13
N ASN A 250 4.48 -19.51 -15.17
CA ASN A 250 3.27 -20.25 -15.41
C ASN A 250 2.15 -19.33 -15.83
N ILE A 251 2.00 -18.23 -15.09
CA ILE A 251 0.92 -17.29 -15.37
C ILE A 251 1.13 -16.65 -16.74
N LEU A 252 2.36 -16.24 -17.01
CA LEU A 252 2.68 -15.66 -18.29
C LEU A 252 2.31 -16.62 -19.44
N GLU A 253 2.46 -17.92 -19.21
CA GLU A 253 2.00 -18.91 -20.20
C GLU A 253 0.53 -18.74 -20.53
N GLN A 254 -0.26 -18.29 -19.56
CA GLN A 254 -1.71 -18.14 -19.76
C GLN A 254 -2.08 -16.73 -20.23
N GLY A 255 -1.12 -15.82 -20.21
CA GLY A 255 -1.35 -14.50 -20.76
C GLY A 255 -1.83 -13.50 -19.75
N LEU A 256 -1.54 -13.77 -18.48
CA LEU A 256 -2.05 -12.94 -17.40
C LEU A 256 -0.94 -12.11 -16.78
N ALA A 257 -0.66 -10.98 -17.40
CA ALA A 257 0.44 -10.13 -16.96
C ALA A 257 0.33 -9.67 -15.50
N LEU A 258 -0.81 -9.10 -15.14
CA LEU A 258 -0.96 -8.41 -13.85
C LEU A 258 -0.68 -9.29 -12.64
N PRO A 259 -1.31 -10.45 -12.60
CA PRO A 259 -1.03 -11.37 -11.50
C PRO A 259 0.42 -11.82 -11.58
N ALA A 260 0.87 -12.14 -12.79
CA ALA A 260 2.27 -12.52 -13.02
C ALA A 260 3.23 -11.51 -12.43
N TYR A 261 2.97 -10.23 -12.68
CA TYR A 261 3.90 -9.20 -12.25
C TYR A 261 4.02 -9.14 -10.74
N ASP A 262 2.96 -9.57 -10.06
CA ASP A 262 2.92 -9.64 -8.60
C ASP A 262 4.10 -10.48 -8.15
N TYR A 263 4.25 -11.61 -8.83
CA TYR A 263 5.30 -12.58 -8.50
C TYR A 263 6.67 -12.06 -8.92
N CYS A 264 6.66 -11.20 -9.92
CA CYS A 264 7.87 -10.51 -10.28
C CYS A 264 8.33 -9.70 -9.08
N LEU A 266 7.72 -9.91 -6.01
CA LEU A 266 8.10 -10.73 -4.87
C LEU A 266 9.52 -11.23 -5.05
N ALA A 267 9.75 -11.85 -6.20
CA ALA A 267 11.07 -12.30 -6.60
C ALA A 267 12.15 -11.23 -6.39
N ALA A 268 11.91 -10.00 -6.84
CA ALA A 268 12.91 -8.95 -6.65
C ALA A 268 13.04 -8.60 -5.18
N HIS A 269 11.91 -8.56 -4.46
CA HIS A 269 12.00 -8.16 -3.06
C HIS A 269 12.77 -9.21 -2.29
N THR A 270 12.58 -10.46 -2.67
CA THR A 270 13.22 -11.56 -1.95
C THR A 270 14.73 -11.51 -2.14
N PHE A 271 15.13 -11.16 -3.35
CA PHE A 271 16.53 -11.04 -3.71
C PHE A 271 17.17 -9.94 -2.87
N ASN A 272 16.47 -8.84 -2.70
CA ASN A 272 16.96 -7.77 -1.86
C ASN A 272 17.18 -8.24 -0.45
N LEU A 273 16.27 -9.08 0.02
CA LEU A 273 16.35 -9.65 1.35
C LEU A 273 17.56 -10.54 1.41
N LEU A 274 17.73 -11.39 0.41
CA LEU A 274 18.86 -12.30 0.38
C LEU A 274 20.17 -11.52 0.33
N ASP A 275 20.13 -10.39 -0.35
CA ASP A 275 21.32 -9.59 -0.48
C ASP A 275 21.68 -8.92 0.83
N ALA A 276 20.67 -8.44 1.55
CA ALA A 276 20.88 -7.87 2.89
C ALA A 276 21.26 -8.94 3.91
N ARG A 277 20.71 -10.15 3.78
CA ARG A 277 21.14 -11.23 4.64
C ARG A 277 22.63 -11.45 4.42
N GLY A 278 23.10 -10.98 3.26
CA GLY A 278 24.49 -11.13 2.86
C GLY A 278 24.70 -12.51 2.27
N ALA A 279 23.63 -13.06 1.69
CA ALA A 279 23.64 -14.45 1.22
C ALA A 279 23.81 -14.54 -0.29
N ILE A 280 24.42 -13.52 -0.88
CA ILE A 280 24.66 -13.50 -2.32
C ILE A 280 26.15 -13.29 -2.63
N SER A 281 26.67 -14.18 -3.47
CA SER A 281 28.01 -14.04 -4.05
C SER A 281 27.89 -13.29 -5.35
N VAL A 282 29.04 -12.83 -5.85
CA VAL A 282 29.11 -12.16 -7.14
C VAL A 282 28.55 -13.07 -8.22
N ALA A 283 28.74 -14.37 -7.99
CA ALA A 283 28.37 -15.41 -8.94
C ALA A 283 26.87 -15.52 -9.10
N GLN A 284 26.23 -16.10 -8.07
CA GLN A 284 24.79 -16.24 -8.02
C GLN A 284 24.09 -14.88 -8.11
N ARG A 285 24.81 -13.82 -7.72
CA ARG A 285 24.25 -12.51 -7.90
C ARG A 285 23.73 -12.38 -9.33
N GLN A 286 24.55 -12.81 -10.30
CA GLN A 286 24.19 -12.79 -11.71
C GLN A 286 22.99 -13.69 -12.03
N ASP A 287 23.03 -14.94 -11.57
CA ASP A 287 21.94 -15.86 -11.84
C ASP A 287 20.58 -15.36 -11.34
N TYR A 288 20.58 -14.55 -10.28
CA TYR A 288 19.33 -13.94 -9.80
C TYR A 288 18.90 -12.82 -10.72
N LEU A 290 19.38 -12.26 -13.58
CA LEU A 290 18.99 -12.72 -14.89
C LEU A 290 17.54 -13.16 -14.86
N LYS A 291 17.26 -14.12 -13.98
CA LYS A 291 15.90 -14.57 -13.77
C LYS A 291 14.95 -13.39 -13.52
N ILE A 292 15.36 -12.46 -12.69
CA ILE A 292 14.56 -11.25 -12.44
C ILE A 292 14.25 -10.45 -13.71
N ARG A 293 15.30 -10.07 -14.46
CA ARG A 293 15.16 -9.28 -15.69
C ARG A 293 14.29 -9.97 -16.70
N GLU A 294 14.46 -11.29 -16.77
CA GLU A 294 13.64 -12.15 -17.59
C GLU A 294 12.16 -12.07 -17.22
N LEU A 295 11.86 -12.04 -15.92
CA LEU A 295 10.46 -11.91 -15.50
C LEU A 295 9.81 -10.62 -15.96
N SER A 296 10.46 -9.49 -15.69
CA SER A 296 9.90 -8.20 -16.08
C SER A 296 9.87 -8.02 -17.59
N LYS A 297 10.87 -8.55 -18.27
CA LYS A 297 10.86 -8.49 -19.72
C LYS A 297 9.60 -9.19 -20.16
N ASN A 298 9.48 -10.47 -19.77
CA ASN A 298 8.30 -11.24 -20.07
C ASN A 298 7.01 -10.52 -19.70
N CYS A 299 6.94 -10.04 -18.46
CA CYS A 299 5.71 -9.41 -17.98
C CYS A 299 5.30 -8.27 -18.89
N ALA A 300 6.23 -7.38 -19.20
CA ALA A 300 5.92 -6.23 -20.05
C ALA A 300 5.50 -6.67 -21.45
N GLU A 301 6.07 -7.78 -21.92
CA GLU A 301 5.78 -8.26 -23.26
C GLU A 301 4.37 -8.79 -23.38
N ILE A 302 3.95 -9.57 -22.40
CA ILE A 302 2.58 -10.10 -22.35
C ILE A 302 1.57 -8.99 -22.12
N TYR A 303 1.92 -8.06 -21.25
CA TYR A 303 1.05 -6.93 -20.97
C TYR A 303 0.86 -6.07 -22.22
N LYS A 304 1.95 -5.80 -22.93
CA LYS A 304 1.87 -4.95 -24.11
C LYS A 304 1.13 -5.67 -25.22
N LYS A 305 1.29 -6.99 -25.27
CA LYS A 305 0.63 -7.80 -26.27
C LYS A 305 -0.89 -7.73 -26.14
N ASN A 306 -1.40 -7.92 -24.93
CA ASN A 306 -2.83 -7.92 -24.67
C ASN A 306 -3.41 -6.51 -24.73
N LEU A 307 -2.58 -5.55 -25.06
CA LEU A 307 -3.05 -4.17 -25.22
C LEU A 307 -3.91 -4.06 -26.46
N ASN A 308 -3.44 -4.64 -27.57
CA ASN A 308 -4.23 -4.67 -28.80
C ASN A 308 -4.62 -6.08 -29.23
N ASN B 23 -21.43 17.38 -11.11
CA ASN B 23 -21.52 17.96 -9.77
C ASN B 23 -21.08 16.99 -8.67
N ALA B 24 -20.91 15.71 -9.04
CA ALA B 24 -20.54 14.69 -8.06
C ALA B 24 -19.02 14.51 -7.92
N THR B 26 -15.46 12.83 -7.49
CA THR B 26 -14.86 11.64 -8.09
C THR B 26 -14.27 10.74 -7.00
N PHE B 27 -14.12 9.46 -7.31
CA PHE B 27 -13.52 8.52 -6.37
C PHE B 27 -12.30 9.13 -5.67
N SER B 28 -11.40 9.69 -6.46
CA SER B 28 -10.17 10.27 -5.94
C SER B 28 -10.43 11.30 -4.86
N GLN B 29 -11.33 12.23 -5.16
CA GLN B 29 -11.67 13.32 -4.24
C GLN B 29 -12.38 12.85 -2.99
N ILE B 31 -11.87 10.07 -1.46
CA ILE B 31 -10.77 9.58 -0.65
C ILE B 31 -10.01 10.72 0.03
N LEU B 32 -9.62 11.73 -0.75
CA LEU B 32 -8.94 12.87 -0.18
C LEU B 32 -9.84 13.52 0.88
N ASN B 33 -11.12 13.57 0.57
CA ASN B 33 -12.11 14.17 1.44
C ASN B 33 -12.25 13.43 2.78
N LEU B 34 -12.24 12.10 2.72
CA LEU B 34 -12.31 11.33 3.94
C LEU B 34 -11.03 11.47 4.77
N GLN B 35 -9.88 11.42 4.11
CA GLN B 35 -8.62 11.57 4.83
C GLN B 35 -8.51 12.95 5.50
N ASN B 36 -9.02 13.97 4.82
CA ASN B 36 -9.02 15.31 5.39
C ASN B 36 -9.98 15.45 6.57
N TYR B 37 -11.18 14.88 6.42
CA TYR B 37 -12.19 14.97 7.47
C TYR B 37 -11.73 14.31 8.76
N TRP B 38 -11.21 13.08 8.62
CA TRP B 38 -10.77 12.31 9.75
C TRP B 38 -9.46 12.81 10.33
N GLN B 39 -8.66 13.48 9.50
CA GLN B 39 -7.47 14.11 10.00
C GLN B 39 -7.90 15.17 11.00
N GLU B 40 -8.93 15.91 10.64
CA GLU B 40 -9.47 16.93 11.54
C GLU B 40 -10.21 16.36 12.73
N GLN B 41 -10.55 15.08 12.69
CA GLN B 41 -11.15 14.45 13.87
C GLN B 41 -10.06 14.03 14.84
N GLY B 42 -8.82 14.02 14.33
CA GLY B 42 -7.65 13.72 15.15
C GLY B 42 -7.00 12.41 14.79
N CYS B 43 -7.36 11.83 13.66
CA CYS B 43 -6.74 10.59 13.21
C CYS B 43 -5.50 10.87 12.44
N ALA B 44 -4.44 10.16 12.78
CA ALA B 44 -3.22 10.14 12.02
C ALA B 44 -3.40 9.38 10.71
N ILE B 45 -3.34 10.08 9.59
CA ILE B 45 -3.46 9.45 8.27
C ILE B 45 -2.27 8.55 7.94
N GLN B 47 -0.82 5.02 5.44
CA GLN B 47 -0.89 4.54 4.07
C GLN B 47 -1.16 3.07 4.09
N PRO B 48 -1.81 2.57 3.03
CA PRO B 48 -1.98 1.14 2.78
C PRO B 48 -0.67 0.40 3.04
N TYR B 49 -0.75 -0.82 3.54
CA TYR B 49 0.42 -1.63 3.81
C TYR B 49 0.91 -2.29 2.52
N ASP B 50 2.14 -2.79 2.51
CA ASP B 50 2.65 -3.39 1.29
C ASP B 50 2.73 -4.91 1.37
N PRO B 52 -0.46 -8.06 0.85
CA PRO B 52 -1.88 -8.12 0.47
C PRO B 52 -2.72 -8.46 1.70
N ALA B 53 -3.93 -7.92 1.80
CA ALA B 53 -4.77 -8.15 2.98
C ALA B 53 -6.27 -8.12 2.68
N GLY B 54 -7.03 -8.97 3.35
CA GLY B 54 -8.46 -9.06 3.08
C GLY B 54 -9.27 -7.92 3.66
N ALA B 55 -8.65 -7.13 4.54
CA ALA B 55 -9.36 -6.04 5.22
C ALA B 55 -8.37 -5.08 5.92
N GLY B 56 -8.74 -3.81 6.00
CA GLY B 56 -7.93 -2.85 6.72
C GLY B 56 -7.56 -3.27 8.13
N THR B 57 -8.30 -4.22 8.69
CA THR B 57 -8.12 -4.65 10.08
C THR B 57 -6.78 -5.35 10.25
N PHE B 58 -6.39 -6.06 9.21
CA PHE B 58 -5.10 -6.73 9.18
C PHE B 58 -3.89 -5.79 9.14
N HIS B 59 -4.09 -4.55 8.73
CA HIS B 59 -3.03 -3.58 8.73
C HIS B 59 -2.52 -3.48 10.15
N PRO B 60 -1.19 -3.56 10.31
CA PRO B 60 -0.62 -3.47 11.66
C PRO B 60 -1.09 -2.23 12.37
N ALA B 61 -1.51 -1.20 11.64
CA ALA B 61 -2.00 0.03 12.26
C ALA B 61 -3.33 -0.20 12.99
N THR B 62 -4.06 -1.23 12.59
CA THR B 62 -5.22 -1.62 13.37
C THR B 62 -4.81 -2.76 14.30
N PHE B 63 -4.46 -3.91 13.70
CA PHE B 63 -4.28 -5.13 14.46
C PHE B 63 -3.39 -5.00 15.69
N LEU B 64 -2.24 -4.37 15.50
CA LEU B 64 -1.23 -4.31 16.56
C LEU B 64 -1.35 -3.07 17.44
N ARG B 65 -1.82 -1.96 16.87
CA ARG B 65 -1.97 -0.72 17.62
C ARG B 65 -3.14 -0.77 18.59
N SER B 66 -4.07 -1.68 18.33
CA SER B 66 -5.23 -1.92 19.19
C SER B 66 -4.86 -2.63 20.51
N LEU B 67 -3.68 -3.24 20.56
CA LEU B 67 -3.19 -3.84 21.81
C LEU B 67 -2.55 -2.77 22.69
N GLY B 68 -2.50 -3.03 23.99
CA GLY B 68 -1.81 -2.17 24.92
C GLY B 68 -2.58 -0.95 25.40
N LYS B 69 -2.02 -0.30 26.43
CA LYS B 69 -2.70 0.81 27.09
C LYS B 69 -2.67 2.09 26.29
N LYS B 70 -1.88 2.10 25.21
CA LYS B 70 -1.54 3.33 24.50
C LYS B 70 -2.65 3.73 23.53
N PRO B 71 -3.25 4.90 23.78
CA PRO B 71 -4.27 5.44 22.88
C PRO B 71 -3.74 5.57 21.45
N TRP B 72 -4.63 5.47 20.47
CA TRP B 72 -4.24 5.47 19.07
C TRP B 72 -5.42 5.80 18.18
N ALA B 73 -5.18 6.70 17.22
CA ALA B 73 -6.18 7.13 16.26
C ALA B 73 -5.58 7.15 14.87
N ALA B 74 -6.17 6.41 13.96
CA ALA B 74 -5.59 6.24 12.64
C ALA B 74 -6.67 6.12 11.58
N ALA B 75 -6.36 6.50 10.35
CA ALA B 75 -7.33 6.39 9.26
C ALA B 75 -6.55 6.19 8.01
N TYR B 76 -7.01 5.26 7.17
CA TYR B 76 -6.31 4.98 5.93
C TYR B 76 -7.16 4.22 4.91
N VAL B 77 -6.73 4.31 3.65
CA VAL B 77 -7.29 3.49 2.59
C VAL B 77 -6.72 2.09 2.72
N ALA B 78 -7.59 1.11 2.54
CA ALA B 78 -7.22 -0.27 2.69
C ALA B 78 -7.67 -0.97 1.44
N PRO B 79 -6.77 -1.08 0.46
CA PRO B 79 -7.11 -1.95 -0.65
C PRO B 79 -7.13 -3.35 -0.08
N SER B 80 -8.16 -4.14 -0.38
CA SER B 80 -8.30 -5.44 0.22
C SER B 80 -8.47 -6.50 -0.86
N ARG B 81 -7.75 -7.61 -0.71
CA ARG B 81 -7.90 -8.71 -1.65
C ARG B 81 -8.81 -9.84 -1.13
N ARG B 82 -9.82 -10.16 -1.94
CA ARG B 82 -10.84 -11.13 -1.57
C ARG B 82 -10.92 -12.23 -2.62
N PRO B 83 -9.90 -13.09 -2.68
CA PRO B 83 -9.73 -14.06 -3.78
C PRO B 83 -11.02 -14.82 -4.18
N THR B 84 -11.82 -15.26 -3.20
CA THR B 84 -13.06 -15.97 -3.49
C THR B 84 -14.19 -15.05 -3.93
N ASP B 85 -14.00 -13.75 -3.74
CA ASP B 85 -15.02 -12.78 -4.12
C ASP B 85 -14.91 -12.41 -5.58
N GLY B 86 -13.86 -12.88 -6.24
CA GLY B 86 -13.63 -12.56 -7.64
C GLY B 86 -14.76 -12.98 -8.57
N ARG B 87 -15.19 -12.06 -9.43
CA ARG B 87 -16.25 -12.32 -10.40
C ARG B 87 -15.85 -11.96 -11.85
N TYR B 88 -14.57 -12.06 -12.17
CA TYR B 88 -14.02 -11.81 -13.52
C TYR B 88 -14.28 -10.41 -14.09
N GLY B 89 -14.60 -9.47 -13.21
CA GLY B 89 -14.94 -8.12 -13.64
C GLY B 89 -16.27 -8.05 -14.36
N GLU B 90 -17.13 -9.03 -14.10
CA GLU B 90 -18.38 -9.13 -14.84
C GLU B 90 -19.59 -8.79 -13.98
N ASN B 91 -19.35 -8.64 -12.68
CA ASN B 91 -20.40 -8.39 -11.69
C ASN B 91 -20.32 -6.96 -11.16
N PRO B 92 -21.45 -6.23 -11.20
CA PRO B 92 -21.49 -4.79 -10.92
C PRO B 92 -21.25 -4.45 -9.46
N ASN B 93 -21.17 -5.44 -8.60
CA ASN B 93 -21.04 -5.19 -7.17
C ASN B 93 -19.95 -6.00 -6.49
N ARG B 94 -19.73 -7.20 -6.99
CA ARG B 94 -18.78 -8.12 -6.40
C ARG B 94 -17.39 -7.86 -6.99
N LEU B 95 -16.43 -7.54 -6.12
CA LEU B 95 -15.07 -7.30 -6.55
C LEU B 95 -14.06 -8.21 -5.85
N GLY B 96 -13.09 -8.69 -6.61
CA GLY B 96 -12.01 -9.53 -6.07
C GLY B 96 -11.02 -8.71 -5.25
N ALA B 97 -10.97 -7.41 -5.55
CA ALA B 97 -10.18 -6.45 -4.79
C ALA B 97 -10.93 -5.14 -4.80
N TYR B 98 -11.05 -4.51 -3.63
CA TYR B 98 -11.75 -3.22 -3.52
C TYR B 98 -11.16 -2.36 -2.41
N TYR B 99 -11.43 -1.06 -2.48
CA TYR B 99 -10.87 -0.12 -1.53
C TYR B 99 -11.81 0.16 -0.35
N GLN B 100 -11.39 -0.25 0.84
CA GLN B 100 -12.11 0.16 2.06
C GLN B 100 -11.47 1.44 2.56
N PHE B 101 -12.23 2.25 3.29
CA PHE B 101 -11.60 3.28 4.08
C PHE B 101 -11.71 2.88 5.53
N GLN B 102 -10.61 3.02 6.25
CA GLN B 102 -10.50 2.49 7.60
C GLN B 102 -10.24 3.59 8.62
N VAL B 103 -11.11 3.71 9.60
CA VAL B 103 -10.86 4.61 10.72
C VAL B 103 -10.79 3.75 11.97
N LEU B 104 -9.71 3.88 12.73
CA LEU B 104 -9.51 3.16 13.99
C LEU B 104 -9.32 4.17 15.10
N ILE B 105 -10.21 4.21 16.08
CA ILE B 105 -10.06 5.15 17.19
C ILE B 105 -10.08 4.46 18.55
N LYS B 106 -9.00 4.65 19.30
CA LYS B 106 -8.78 3.93 20.53
C LYS B 106 -8.30 4.92 21.56
N PRO B 107 -9.12 5.21 22.59
CA PRO B 107 -10.42 4.61 22.93
C PRO B 107 -11.55 5.19 22.10
N SER B 108 -12.61 4.40 21.92
CA SER B 108 -13.76 4.86 21.15
C SER B 108 -14.50 6.02 21.79
N PRO B 109 -14.77 7.04 20.99
CA PRO B 109 -15.54 8.25 21.29
C PRO B 109 -16.99 7.93 21.66
N ASP B 110 -17.67 8.89 22.27
CA ASP B 110 -19.10 8.79 22.52
C ASP B 110 -19.81 9.16 21.23
N ASN B 111 -19.26 10.18 20.57
CA ASN B 111 -19.82 10.74 19.35
C ASN B 111 -19.57 9.90 18.10
N ILE B 112 -18.86 8.80 18.26
CA ILE B 112 -18.46 7.98 17.12
C ILE B 112 -19.55 7.85 16.06
N GLN B 113 -20.81 7.77 16.49
CA GLN B 113 -21.90 7.56 15.55
C GLN B 113 -22.14 8.79 14.67
N GLU B 114 -22.21 9.96 15.29
CA GLU B 114 -22.42 11.18 14.53
C GLU B 114 -21.17 11.59 13.76
N LEU B 115 -19.99 11.38 14.35
CA LEU B 115 -18.75 11.66 13.64
C LEU B 115 -18.79 10.98 12.28
N TYR B 116 -19.24 9.73 12.28
CA TYR B 116 -19.44 9.01 11.05
C TYR B 116 -20.41 9.78 10.15
N LEU B 117 -21.56 10.13 10.70
CA LEU B 117 -22.59 10.82 9.95
C LEU B 117 -22.15 12.16 9.34
N LYS B 118 -21.43 12.96 10.10
CA LYS B 118 -20.85 14.20 9.58
C LYS B 118 -19.98 13.91 8.35
N SER B 119 -19.26 12.80 8.38
CA SER B 119 -18.37 12.44 7.29
C SER B 119 -19.10 12.20 5.97
N LEU B 120 -20.30 11.65 6.03
CA LEU B 120 -21.12 11.48 4.83
C LEU B 120 -21.74 12.78 4.35
N GLU B 121 -22.04 13.69 5.28
CA GLU B 121 -22.57 14.99 4.88
C GLU B 121 -21.44 15.72 4.21
N ASN B 122 -20.24 15.30 4.56
CA ASN B 122 -19.06 15.96 4.09
C ASN B 122 -18.80 15.55 2.65
N LEU B 123 -19.01 14.28 2.37
CA LEU B 123 -18.96 13.77 1.01
C LEU B 123 -20.04 14.40 0.16
N GLY B 124 -20.93 15.14 0.80
CA GLY B 124 -22.00 15.82 0.08
C GLY B 124 -23.34 15.15 0.19
N PHE B 125 -23.48 14.25 1.15
CA PHE B 125 -24.74 13.54 1.33
C PHE B 125 -25.76 14.34 2.14
N ASP B 126 -27.03 14.14 1.78
CA ASP B 126 -28.13 14.67 2.58
C ASP B 126 -28.75 13.54 3.38
N LEU B 127 -28.74 13.69 4.71
CA LEU B 127 -29.18 12.61 5.60
C LEU B 127 -30.69 12.34 5.56
N LYS B 128 -31.47 13.37 5.88
CA LYS B 128 -32.93 13.27 5.89
C LYS B 128 -33.49 12.91 4.51
N SER B 129 -32.60 12.57 3.57
CA SER B 129 -33.03 12.13 2.26
C SER B 129 -32.51 10.73 1.94
N HIS B 130 -32.23 9.96 2.99
CA HIS B 130 -31.84 8.57 2.83
C HIS B 130 -32.30 7.71 4.01
N ASP B 131 -32.59 6.44 3.72
CA ASP B 131 -32.92 5.45 4.74
C ASP B 131 -31.64 4.84 5.31
N ILE B 132 -31.28 5.27 6.51
CA ILE B 132 -30.00 4.90 7.11
C ILE B 132 -30.22 3.97 8.29
N ARG B 133 -29.98 2.68 8.09
CA ARG B 133 -30.20 1.71 9.14
C ARG B 133 -28.91 1.17 9.76
N PHE B 134 -28.83 1.24 11.09
CA PHE B 134 -27.76 0.58 11.85
C PHE B 134 -28.15 -0.81 12.38
N VAL B 135 -28.00 -1.81 11.52
CA VAL B 135 -28.24 -3.21 11.86
C VAL B 135 -27.12 -3.85 12.70
N GLU B 136 -27.47 -4.32 13.89
CA GLU B 136 -26.57 -5.16 14.70
C GLU B 136 -25.95 -6.28 13.87
N ASP B 137 -24.64 -6.47 14.08
CA ASP B 137 -23.91 -7.59 13.52
C ASP B 137 -22.57 -7.67 14.20
N ASN B 138 -22.45 -8.55 15.19
CA ASN B 138 -21.23 -8.66 15.97
C ASN B 138 -20.12 -9.40 15.23
N TRP B 139 -18.89 -9.21 15.69
CA TRP B 139 -17.71 -9.69 14.99
C TRP B 139 -17.02 -10.80 15.76
N GLU B 140 -16.89 -11.96 15.12
CA GLU B 140 -16.12 -13.07 15.68
C GLU B 140 -15.09 -13.42 14.65
N SER B 141 -13.81 -13.25 14.98
CA SER B 141 -12.74 -13.62 14.07
C SER B 141 -11.73 -14.54 14.74
N PRO B 142 -11.88 -15.85 14.49
CA PRO B 142 -11.02 -16.82 15.16
C PRO B 142 -9.58 -16.83 14.61
N SER B 143 -9.42 -16.53 13.33
CA SER B 143 -8.08 -16.46 12.76
C SER B 143 -7.27 -15.34 13.39
N LEU B 144 -7.94 -14.27 13.84
CA LEU B 144 -7.29 -13.18 14.57
C LEU B 144 -7.44 -13.29 16.08
N GLY B 145 -7.97 -14.42 16.55
CA GLY B 145 -8.19 -14.62 17.97
C GLY B 145 -8.96 -13.45 18.53
N ALA B 146 -9.94 -12.98 17.76
CA ALA B 146 -10.59 -11.73 18.09
C ALA B 146 -12.13 -11.79 18.03
N TRP B 147 -12.75 -10.84 18.74
CA TRP B 147 -14.18 -10.60 18.66
C TRP B 147 -14.48 -9.16 19.09
N GLY B 148 -15.59 -8.62 18.61
CA GLY B 148 -16.06 -7.35 19.11
C GLY B 148 -17.52 -7.22 18.81
N LEU B 149 -18.14 -6.16 19.32
CA LEU B 149 -19.52 -5.85 19.00
C LEU B 149 -19.55 -5.02 17.74
N GLY B 150 -20.56 -5.22 16.91
CA GLY B 150 -20.59 -4.55 15.63
C GLY B 150 -21.97 -4.13 15.18
N TRP B 151 -21.98 -3.33 14.11
CA TRP B 151 -23.19 -2.88 13.47
C TRP B 151 -22.89 -2.68 12.02
N GLU B 152 -23.83 -2.99 11.14
CA GLU B 152 -23.67 -2.65 9.72
C GLU B 152 -24.47 -1.39 9.43
N VAL B 153 -24.01 -0.62 8.45
CA VAL B 153 -24.66 0.63 8.08
C VAL B 153 -25.29 0.44 6.72
N TRP B 154 -26.61 0.38 6.68
CA TRP B 154 -27.32 0.21 5.43
C TRP B 154 -27.84 1.55 4.94
N LEU B 155 -27.62 1.79 3.66
CA LEU B 155 -28.15 2.99 3.05
C LEU B 155 -29.06 2.56 1.92
N ASP B 156 -30.34 2.85 2.05
CA ASP B 156 -31.29 2.47 1.02
C ASP B 156 -31.01 1.04 0.54
N GLY B 157 -30.99 0.11 1.50
CA GLY B 157 -30.95 -1.32 1.18
C GLY B 157 -29.67 -1.80 0.54
N GLU B 159 -25.41 -2.51 2.17
CA GLU B 159 -24.40 -2.27 3.18
C GLU B 159 -23.34 -1.30 2.64
N VAL B 160 -23.01 -0.26 3.41
CA VAL B 160 -21.99 0.71 3.01
C VAL B 160 -20.84 0.90 4.02
N THR B 161 -21.03 0.45 5.25
CA THR B 161 -20.02 0.63 6.28
C THR B 161 -20.25 -0.35 7.41
N GLN B 162 -19.18 -0.72 8.11
CA GLN B 162 -19.28 -1.63 9.25
C GLN B 162 -18.56 -1.01 10.44
N PHE B 163 -19.25 -0.87 11.57
CA PHE B 163 -18.55 -0.53 12.81
C PHE B 163 -18.22 -1.81 13.56
N THR B 164 -17.12 -1.80 14.29
CA THR B 164 -16.76 -2.92 15.12
C THR B 164 -16.04 -2.34 16.31
N TYR B 165 -16.47 -2.69 17.51
CA TYR B 165 -15.84 -2.21 18.71
C TYR B 165 -15.09 -3.34 19.37
N PHE B 166 -13.76 -3.28 19.31
CA PHE B 166 -12.92 -4.39 19.72
C PHE B 166 -12.98 -4.66 21.23
N GLN B 167 -13.11 -5.94 21.59
CA GLN B 167 -13.06 -6.36 22.99
C GLN B 167 -11.85 -7.24 23.20
N GLN B 168 -11.51 -7.97 22.15
CA GLN B 168 -10.40 -8.89 22.21
C GLN B 168 -9.73 -8.98 20.86
N VAL B 169 -8.40 -8.92 20.83
CA VAL B 169 -7.67 -9.09 19.59
C VAL B 169 -6.49 -10.02 19.85
N GLY B 170 -6.18 -10.89 18.89
CA GLY B 170 -5.11 -11.85 19.06
C GLY B 170 -5.16 -12.70 20.32
N GLY B 171 -6.37 -12.94 20.84
CA GLY B 171 -6.54 -13.74 22.05
C GLY B 171 -6.28 -12.95 23.33
N ILE B 172 -6.16 -11.65 23.20
CA ILE B 172 -5.83 -10.77 24.32
C ILE B 172 -7.02 -9.83 24.52
N ALA B 173 -7.26 -9.45 25.77
CA ALA B 173 -8.35 -8.58 26.13
C ALA B 173 -7.91 -7.12 26.04
N VAL B 174 -8.64 -6.31 25.29
CA VAL B 174 -8.23 -4.92 25.07
C VAL B 174 -8.18 -4.12 26.38
N ASP B 175 -7.10 -3.36 26.54
CA ASP B 175 -6.98 -2.47 27.68
C ASP B 175 -7.87 -1.26 27.42
N LEU B 176 -7.92 -0.84 26.17
CA LEU B 176 -8.87 0.16 25.70
C LEU B 176 -9.65 -0.43 24.55
N VAL B 177 -10.93 -0.05 24.44
CA VAL B 177 -11.75 -0.53 23.34
C VAL B 177 -11.56 0.40 22.17
N SER B 178 -11.31 -0.20 21.02
CA SER B 178 -11.03 0.52 19.79
C SER B 178 -12.25 0.53 18.87
N ALA B 179 -12.66 1.71 18.46
CA ALA B 179 -13.70 1.89 17.45
C ALA B 179 -13.14 1.76 16.03
N GLU B 180 -13.75 0.91 15.20
CA GLU B 180 -13.30 0.70 13.83
C GLU B 180 -14.40 0.99 12.83
N ILE B 181 -14.22 2.02 11.99
CA ILE B 181 -15.17 2.24 10.91
C ILE B 181 -14.58 1.80 9.59
N THR B 182 -15.33 1.00 8.86
CA THR B 182 -14.90 0.49 7.58
C THR B 182 -15.92 0.79 6.52
N TYR B 183 -15.57 1.70 5.61
CA TYR B 183 -16.45 2.09 4.53
C TYR B 183 -16.26 1.13 3.39
N GLY B 184 -17.32 0.90 2.62
CA GLY B 184 -17.19 0.19 1.36
C GLY B 184 -17.16 1.27 0.29
N LEU B 185 -15.95 1.71 -0.04
CA LEU B 185 -15.79 2.94 -0.82
C LEU B 185 -16.46 2.87 -2.18
N GLU B 186 -16.43 1.70 -2.80
CA GLU B 186 -17.04 1.54 -4.12
C GLU B 186 -18.56 1.76 -4.06
N ARG B 187 -19.19 1.27 -2.98
CA ARG B 187 -20.64 1.31 -2.84
C ARG B 187 -21.12 2.72 -2.53
N ILE B 188 -20.48 3.36 -1.56
CA ILE B 188 -20.72 4.77 -1.25
C ILE B 188 -20.57 5.63 -2.50
N ALA B 189 -19.62 5.27 -3.35
CA ALA B 189 -19.39 5.96 -4.59
C ALA B 189 -20.60 5.83 -5.50
N TYR B 191 -23.47 5.44 -4.88
CA TYR B 191 -24.52 6.31 -4.35
C TYR B 191 -24.20 7.78 -4.55
N LEU B 192 -22.98 8.18 -4.24
CA LEU B 192 -22.58 9.56 -4.53
C LEU B 192 -22.62 9.88 -6.03
N GLN B 193 -22.21 8.94 -6.87
CA GLN B 193 -22.08 9.20 -8.31
C GLN B 193 -23.28 8.77 -9.17
N ASN B 194 -24.22 8.05 -8.58
CA ASN B 194 -25.48 7.71 -9.25
C ASN B 194 -25.36 6.63 -10.32
N VAL B 195 -24.33 5.79 -10.22
CA VAL B 195 -24.22 4.63 -11.08
C VAL B 195 -24.67 3.37 -10.35
N ASP B 196 -25.23 2.42 -11.09
CA ASP B 196 -25.61 1.13 -10.50
C ASP B 196 -24.52 0.11 -10.78
N ASN B 197 -23.53 0.52 -11.57
CA ASN B 197 -22.40 -0.34 -11.88
C ASN B 197 -21.09 0.26 -11.37
N VAL B 198 -20.22 -0.60 -10.84
CA VAL B 198 -19.03 -0.15 -10.12
C VAL B 198 -17.95 0.37 -11.04
N TYR B 199 -17.77 -0.31 -12.15
CA TYR B 199 -16.78 0.09 -13.14
C TYR B 199 -17.18 1.41 -13.78
N ASP B 200 -18.43 1.80 -13.57
CA ASP B 200 -18.97 3.05 -14.11
C ASP B 200 -18.66 4.22 -13.21
N ILE B 201 -18.04 3.95 -12.07
CA ILE B 201 -17.56 4.99 -11.18
C ILE B 201 -16.51 5.85 -11.91
N VAL B 202 -16.55 7.16 -11.67
CA VAL B 202 -15.53 8.01 -12.25
C VAL B 202 -14.42 8.24 -11.23
N TRP B 203 -13.25 7.72 -11.58
CA TRP B 203 -12.09 7.80 -10.73
C TRP B 203 -11.63 9.23 -10.61
N SER B 204 -11.50 9.91 -11.75
CA SER B 204 -11.12 11.32 -11.71
C SER B 204 -11.40 12.00 -13.03
N GLU B 205 -11.52 13.32 -12.98
CA GLU B 205 -11.86 14.11 -14.16
C GLU B 205 -10.80 15.17 -14.32
N PHE B 206 -10.63 15.66 -15.55
CA PHE B 206 -9.71 16.77 -15.80
C PHE B 206 -10.03 17.48 -17.12
N ASN B 207 -10.69 18.63 -17.01
CA ASN B 207 -11.03 19.43 -18.18
C ASN B 207 -12.03 18.72 -19.08
N GLY B 208 -12.92 17.94 -18.48
CA GLY B 208 -13.95 17.23 -19.20
C GLY B 208 -13.72 15.74 -19.32
N GLU B 209 -12.48 15.35 -19.58
CA GLU B 209 -12.12 13.94 -19.75
C GLU B 209 -12.22 13.21 -18.43
N LYS B 210 -12.68 11.97 -18.45
CA LYS B 210 -12.89 11.22 -17.24
C LYS B 210 -12.20 9.87 -17.26
N ILE B 211 -11.71 9.45 -16.10
CA ILE B 211 -11.14 8.14 -15.92
C ILE B 211 -12.10 7.32 -15.10
N LYS B 212 -12.42 6.14 -15.61
CA LYS B 212 -13.40 5.28 -14.97
C LYS B 212 -12.71 4.19 -14.18
N TYR B 213 -13.41 3.70 -13.15
CA TYR B 213 -12.94 2.57 -12.35
C TYR B 213 -12.64 1.37 -13.26
N ALA B 214 -13.45 1.18 -14.28
CA ALA B 214 -13.22 0.15 -15.28
C ALA B 214 -11.85 0.30 -15.92
N ASP B 215 -11.49 1.53 -16.28
CA ASP B 215 -10.19 1.80 -16.91
C ASP B 215 -9.04 1.43 -15.98
N VAL B 216 -9.29 1.54 -14.69
CA VAL B 216 -8.27 1.26 -13.71
C VAL B 216 -8.25 -0.22 -13.31
N HIS B 217 -9.40 -0.84 -13.12
CA HIS B 217 -9.37 -2.16 -12.48
C HIS B 217 -9.98 -3.32 -13.25
N LYS B 218 -10.65 -3.02 -14.36
CA LYS B 218 -11.41 -4.05 -15.08
C LYS B 218 -10.56 -5.21 -15.55
N GLN B 219 -9.31 -4.93 -15.88
CA GLN B 219 -8.46 -5.97 -16.42
C GLN B 219 -7.92 -6.86 -15.32
N SER B 220 -7.66 -6.28 -14.16
CA SER B 220 -7.13 -7.06 -13.04
C SER B 220 -8.24 -7.92 -12.40
N GLU B 221 -9.46 -7.38 -12.35
CA GLU B 221 -10.57 -8.18 -11.87
C GLU B 221 -10.60 -9.47 -12.66
N TYR B 222 -10.47 -9.36 -13.98
CA TYR B 222 -10.55 -10.55 -14.81
C TYR B 222 -9.33 -11.46 -14.65
N GLU B 223 -8.14 -10.87 -14.82
CA GLU B 223 -6.88 -11.63 -14.79
C GLU B 223 -6.61 -12.27 -13.43
N PHE B 224 -7.00 -11.61 -12.35
CA PHE B 224 -6.89 -12.23 -11.04
C PHE B 224 -7.97 -13.28 -10.75
N SER B 225 -9.21 -13.05 -11.19
CA SER B 225 -10.25 -14.07 -11.09
C SER B 225 -9.78 -15.28 -11.82
N LYS B 226 -9.44 -15.09 -13.10
CA LYS B 226 -8.97 -16.18 -13.93
C LYS B 226 -7.83 -16.95 -13.24
N TYR B 227 -6.93 -16.21 -12.59
CA TYR B 227 -5.76 -16.84 -11.98
C TYR B 227 -6.07 -17.50 -10.64
N ASN B 228 -6.72 -16.75 -9.74
CA ASN B 228 -7.25 -17.31 -8.49
C ASN B 228 -8.09 -18.58 -8.65
N PHE B 229 -8.91 -18.62 -9.70
CA PHE B 229 -9.90 -19.69 -9.88
C PHE B 229 -9.43 -20.83 -10.77
N GLU B 230 -8.48 -20.56 -11.66
CA GLU B 230 -8.19 -21.51 -12.73
C GLU B 230 -6.71 -21.85 -12.91
N VAL B 231 -5.82 -20.99 -12.43
CA VAL B 231 -4.44 -21.07 -12.88
C VAL B 231 -3.40 -21.33 -11.77
N SER B 232 -3.65 -20.81 -10.58
CA SER B 232 -2.68 -20.90 -9.49
C SER B 232 -2.20 -22.32 -9.23
N ASP B 233 -1.02 -22.44 -8.63
CA ASP B 233 -0.41 -23.73 -8.39
C ASP B 233 -0.51 -24.08 -6.93
N VAL B 234 -1.35 -25.08 -6.65
CA VAL B 234 -1.66 -25.50 -5.29
C VAL B 234 -0.42 -25.96 -4.52
N LYS B 235 0.41 -26.78 -5.14
CA LYS B 235 1.66 -27.19 -4.53
C LYS B 235 2.43 -25.97 -4.05
N ILE B 236 2.62 -25.01 -4.95
CA ILE B 236 3.40 -23.81 -4.66
C ILE B 236 2.73 -23.01 -3.56
N LEU B 237 1.43 -22.81 -3.71
CA LEU B 237 0.64 -22.06 -2.75
C LEU B 237 0.74 -22.69 -1.38
N ASN B 238 0.87 -24.01 -1.34
CA ASN B 238 0.98 -24.68 -0.08
C ASN B 238 2.35 -24.54 0.52
N GLU B 239 3.38 -24.67 -0.33
CA GLU B 239 4.74 -24.36 0.07
C GLU B 239 4.78 -22.93 0.62
N GLN B 240 4.09 -22.02 -0.04
CA GLN B 240 4.12 -20.63 0.37
C GLN B 240 3.49 -20.55 1.76
N PHE B 241 2.39 -21.26 1.94
CA PHE B 241 1.75 -21.34 3.24
C PHE B 241 2.72 -21.78 4.36
N GLU B 242 3.29 -22.97 4.23
CA GLU B 242 4.19 -23.51 5.24
C GLU B 242 5.36 -22.58 5.57
N ASN B 243 6.05 -22.11 4.52
CA ASN B 243 7.22 -21.25 4.68
C ASN B 243 6.90 -20.06 5.55
N SER B 244 5.76 -19.44 5.24
CA SER B 244 5.30 -18.28 5.99
C SER B 244 5.09 -18.63 7.45
N TYR B 245 4.38 -19.74 7.67
CA TYR B 245 4.04 -20.18 9.00
C TYR B 245 5.31 -20.48 9.73
N LYS B 246 6.22 -21.18 9.04
CA LYS B 246 7.53 -21.47 9.59
C LYS B 246 8.37 -20.22 9.85
N GLU B 247 8.43 -19.34 8.85
CA GLU B 247 9.29 -18.19 9.01
C GLU B 247 8.79 -17.28 10.14
N CYS B 248 7.51 -16.96 10.12
CA CYS B 248 6.84 -16.24 11.20
C CYS B 248 7.28 -16.76 12.58
N LYS B 249 7.23 -18.07 12.74
CA LYS B 249 7.59 -18.68 14.01
C LYS B 249 9.07 -18.49 14.32
N ASN B 250 9.92 -18.69 13.32
CA ASN B 250 11.35 -18.42 13.49
C ASN B 250 11.61 -17.00 13.98
N ILE B 251 10.87 -16.04 13.45
CA ILE B 251 11.03 -14.65 13.83
C ILE B 251 10.51 -14.36 15.23
N LEU B 252 9.39 -14.99 15.57
CA LEU B 252 8.77 -14.79 16.88
C LEU B 252 9.68 -15.33 17.97
N GLU B 253 10.38 -16.43 17.69
CA GLU B 253 11.40 -16.96 18.59
C GLU B 253 12.40 -15.89 19.00
N GLN B 254 12.56 -14.88 18.13
CA GLN B 254 13.57 -13.85 18.30
C GLN B 254 12.98 -12.53 18.78
N GLY B 255 11.67 -12.54 19.04
CA GLY B 255 11.02 -11.45 19.74
C GLY B 255 10.64 -10.30 18.84
N LEU B 256 10.59 -10.58 17.53
CA LEU B 256 10.35 -9.55 16.52
C LEU B 256 8.97 -9.65 15.86
N ALA B 257 7.95 -9.02 16.44
CA ALA B 257 6.57 -9.20 15.97
C ALA B 257 6.32 -8.58 14.59
N LEU B 258 6.69 -7.32 14.43
CA LEU B 258 6.47 -6.61 13.15
C LEU B 258 6.83 -7.42 11.88
N PRO B 259 8.11 -7.81 11.72
CA PRO B 259 8.48 -8.64 10.56
C PRO B 259 7.75 -9.99 10.53
N ALA B 260 7.62 -10.64 11.69
CA ALA B 260 6.77 -11.83 11.85
C ALA B 260 5.38 -11.59 11.33
N TYR B 261 4.82 -10.46 11.73
CA TYR B 261 3.43 -10.21 11.42
C TYR B 261 3.13 -10.17 9.93
N ASP B 262 4.12 -9.77 9.14
CA ASP B 262 3.98 -9.76 7.67
C ASP B 262 3.86 -11.16 7.10
N TYR B 263 4.52 -12.10 7.74
CA TYR B 263 4.43 -13.48 7.31
C TYR B 263 3.07 -14.06 7.69
N CYS B 264 2.52 -13.59 8.82
CA CYS B 264 1.16 -13.91 9.21
C CYS B 264 0.17 -13.37 8.16
N LEU B 266 0.70 -12.83 5.13
CA LEU B 266 0.91 -13.51 3.86
C LEU B 266 0.34 -14.91 3.87
N ALA B 267 0.37 -15.54 5.03
CA ALA B 267 -0.21 -16.85 5.20
C ALA B 267 -1.74 -16.79 5.08
N ALA B 268 -2.32 -15.73 5.63
CA ALA B 268 -3.76 -15.53 5.55
C ALA B 268 -4.20 -15.38 4.11
N HIS B 269 -3.52 -14.50 3.36
CA HIS B 269 -3.81 -14.31 1.94
C HIS B 269 -3.65 -15.59 1.12
N THR B 270 -2.62 -16.34 1.45
CA THR B 270 -2.37 -17.61 0.78
C THR B 270 -3.49 -18.62 1.07
N PHE B 271 -3.97 -18.64 2.30
CA PHE B 271 -5.07 -19.51 2.66
C PHE B 271 -6.30 -19.21 1.77
N ASN B 272 -6.56 -17.94 1.57
CA ASN B 272 -7.72 -17.54 0.79
C ASN B 272 -7.53 -17.88 -0.67
N LEU B 273 -6.30 -17.78 -1.15
CA LEU B 273 -6.00 -18.11 -2.53
C LEU B 273 -6.21 -19.59 -2.76
N LEU B 274 -5.71 -20.40 -1.85
CA LEU B 274 -5.97 -21.85 -1.84
C LEU B 274 -7.47 -22.17 -1.78
N ASP B 275 -8.18 -21.39 -0.98
CA ASP B 275 -9.62 -21.57 -0.84
C ASP B 275 -10.32 -21.20 -2.14
N ALA B 276 -10.12 -19.98 -2.62
CA ALA B 276 -10.67 -19.60 -3.93
C ALA B 276 -10.36 -20.61 -5.05
N ARG B 277 -9.22 -21.30 -4.95
CA ARG B 277 -8.84 -22.29 -5.96
C ARG B 277 -9.58 -23.63 -5.79
N GLY B 278 -10.24 -23.79 -4.66
CA GLY B 278 -11.02 -24.98 -4.39
C GLY B 278 -10.18 -26.08 -3.76
N ALA B 279 -9.04 -25.72 -3.20
CA ALA B 279 -8.10 -26.70 -2.67
C ALA B 279 -8.18 -26.80 -1.16
N ILE B 280 -9.34 -26.54 -0.58
CA ILE B 280 -9.48 -26.65 0.87
C ILE B 280 -10.79 -27.30 1.29
N SER B 281 -10.73 -28.61 1.57
CA SER B 281 -11.91 -29.33 2.07
C SER B 281 -12.40 -28.72 3.39
N VAL B 282 -13.72 -28.71 3.57
CA VAL B 282 -14.34 -28.28 4.82
C VAL B 282 -13.70 -28.99 6.03
N ALA B 283 -13.20 -30.19 5.78
CA ALA B 283 -12.51 -30.96 6.81
C ALA B 283 -11.08 -30.46 7.07
N GLN B 284 -10.33 -30.18 6.00
CA GLN B 284 -8.94 -29.76 6.16
C GLN B 284 -8.83 -28.26 6.45
N ARG B 285 -9.96 -27.57 6.33
CA ARG B 285 -10.01 -26.14 6.60
C ARG B 285 -9.56 -25.82 8.01
N GLN B 286 -9.98 -26.64 8.95
CA GLN B 286 -9.58 -26.51 10.34
C GLN B 286 -8.06 -26.41 10.47
N ASP B 287 -7.37 -27.29 9.78
CA ASP B 287 -5.92 -27.38 9.90
C ASP B 287 -5.14 -26.10 9.49
N TYR B 288 -5.69 -25.29 8.57
CA TYR B 288 -5.05 -24.02 8.20
C TYR B 288 -5.43 -22.91 9.16
N LEU B 290 -6.40 -22.97 12.19
CA LEU B 290 -5.69 -23.16 13.43
C LEU B 290 -4.30 -22.52 13.36
N LYS B 291 -3.57 -22.79 12.27
CA LYS B 291 -2.21 -22.29 12.12
C LYS B 291 -2.17 -20.77 12.07
N ILE B 292 -3.10 -20.18 11.31
CA ILE B 292 -3.17 -18.75 11.21
C ILE B 292 -3.46 -18.17 12.58
N ARG B 293 -4.44 -18.79 13.25
CA ARG B 293 -4.86 -18.34 14.56
C ARG B 293 -3.64 -18.29 15.48
N GLU B 294 -2.86 -19.36 15.43
CA GLU B 294 -1.65 -19.50 16.24
C GLU B 294 -0.69 -18.32 15.98
N LEU B 295 -0.42 -18.08 14.70
CA LEU B 295 0.46 -17.02 14.25
C LEU B 295 0.13 -15.67 14.83
N SER B 296 -1.09 -15.21 14.56
CA SER B 296 -1.47 -13.86 14.93
C SER B 296 -1.56 -13.67 16.43
N LYS B 297 -1.87 -14.73 17.15
CA LYS B 297 -1.91 -14.65 18.61
C LYS B 297 -0.51 -14.45 19.14
N ASN B 298 0.41 -15.28 18.67
CA ASN B 298 1.80 -15.17 19.07
C ASN B 298 2.38 -13.82 18.66
N CYS B 299 1.96 -13.31 17.50
CA CYS B 299 2.41 -11.99 17.08
C CYS B 299 1.88 -10.97 18.02
N ALA B 300 0.58 -11.06 18.31
CA ALA B 300 -0.05 -10.15 19.26
C ALA B 300 0.65 -10.17 20.63
N GLU B 301 1.02 -11.34 21.12
CA GLU B 301 1.60 -11.43 22.46
C GLU B 301 2.97 -10.76 22.48
N ILE B 302 3.79 -11.13 21.49
CA ILE B 302 5.15 -10.64 21.40
C ILE B 302 5.14 -9.14 21.26
N TYR B 303 4.29 -8.63 20.40
CA TYR B 303 4.16 -7.19 20.27
C TYR B 303 3.87 -6.64 21.64
N LYS B 304 2.87 -7.20 22.32
CA LYS B 304 2.42 -6.61 23.58
C LYS B 304 3.53 -6.66 24.60
N LYS B 305 4.15 -7.83 24.75
CA LYS B 305 5.31 -7.96 25.62
C LYS B 305 6.34 -6.86 25.37
N ASN B 306 6.71 -6.66 24.10
CA ASN B 306 7.69 -5.63 23.71
C ASN B 306 7.34 -4.19 24.13
N LEU B 307 6.06 -3.93 24.33
CA LEU B 307 5.57 -2.57 24.55
C LEU B 307 6.11 -1.95 25.82
N ASN B 308 6.31 -2.77 26.85
CA ASN B 308 6.65 -2.23 28.14
C ASN B 308 7.97 -2.78 28.69
#